data_8U9F
#
_entry.id   8U9F
#
_cell.length_a   51.540
_cell.length_b   70.005
_cell.length_c   70.159
_cell.angle_alpha   90.00
_cell.angle_beta   90.00
_cell.angle_gamma   90.00
#
_symmetry.space_group_name_H-M   'P 2 21 21'
#
loop_
_entity.id
_entity.type
_entity.pdbx_description
1 polymer Endo-beta-N-acetylglucosaminidase
2 non-polymer 1,2-ETHANEDIOL
3 non-polymer 'IODIDE ION'
4 non-polymer 'MAGNESIUM ION'
5 water water
#
_entity_poly.entity_id   1
_entity_poly.type   'polypeptide(L)'
_entity_poly.pdbx_seq_one_letter_code
;MPVNQSDNNQSEVVTRSATGIKNIVYIEVNDINPLNAGSYIMDDAPFFDYVILFAANIRGVGSDATLYNNPNVQYILDHK
DTLIKPLQDKGIKVLLGLLGDHTGLGFANMNSAQTEQFATAVANAVSQYGLDGVDFDDEWAEYGRNGYPSGSTGSFSNLI
TALHNKMPGKTITVFNYGYTSELTGVNSYIDYGIYAFFNSPSWSTGFGMPNSKFAPYTINLNSAPSAASAQLYSGQVASK
GYGAIGYYDLRANNIVSVLNGVAKGAFKSTCTYDGNSYPKNY
;
_entity_poly.pdbx_strand_id   A
#
# COMPACT_ATOMS: atom_id res chain seq x y z
N GLU A 12 15.88 -18.56 6.58
CA GLU A 12 14.76 -18.53 7.49
C GLU A 12 15.14 -18.24 8.95
N VAL A 13 14.18 -17.74 9.73
CA VAL A 13 14.41 -17.52 11.16
C VAL A 13 14.34 -18.85 11.93
N VAL A 14 14.96 -18.85 13.13
CA VAL A 14 14.99 -20.01 14.04
C VAL A 14 14.52 -19.62 15.44
N THR A 15 13.92 -18.44 15.56
CA THR A 15 13.44 -17.88 16.81
C THR A 15 12.03 -17.37 16.60
N ARG A 16 11.35 -17.06 17.72
N ARG A 16 11.36 -17.05 17.72
CA ARG A 16 9.96 -16.64 17.61
CA ARG A 16 9.97 -16.63 17.65
C ARG A 16 9.79 -15.50 16.62
C ARG A 16 9.79 -15.50 16.65
N SER A 17 10.68 -14.51 16.68
CA SER A 17 10.76 -13.50 15.59
C SER A 17 9.44 -12.77 15.29
N ALA A 18 8.91 -12.12 16.33
CA ALA A 18 7.81 -11.20 16.24
C ALA A 18 8.21 -9.95 15.45
N THR A 19 7.23 -9.37 14.80
CA THR A 19 7.43 -8.18 14.00
C THR A 19 6.55 -7.10 14.61
N GLY A 20 7.10 -5.90 14.80
CA GLY A 20 6.31 -4.80 15.34
C GLY A 20 5.25 -4.29 14.37
N ILE A 21 4.30 -3.47 14.89
CA ILE A 21 3.23 -2.91 14.08
C ILE A 21 3.82 -2.02 13.02
N LYS A 22 3.36 -2.16 11.79
CA LYS A 22 3.84 -1.38 10.66
C LYS A 22 2.82 -0.33 10.24
N ASN A 23 3.31 0.87 9.99
CA ASN A 23 2.51 1.98 9.50
C ASN A 23 2.61 2.06 7.98
N ILE A 24 1.49 1.90 7.30
CA ILE A 24 1.45 1.75 5.84
C ILE A 24 0.64 2.92 5.27
N VAL A 25 1.27 3.79 4.46
CA VAL A 25 0.63 5.00 3.98
C VAL A 25 0.56 5.04 2.46
N TYR A 26 -0.63 5.40 1.95
CA TYR A 26 -0.91 5.59 0.55
C TYR A 26 -0.83 7.07 0.19
N ILE A 27 0.05 7.39 -0.77
N ILE A 27 -0.05 7.37 -0.84
CA ILE A 27 0.20 8.73 -1.30
CA ILE A 27 0.15 8.75 -1.32
C ILE A 27 -0.49 8.83 -2.65
C ILE A 27 -0.46 8.88 -2.69
N GLU A 28 -1.41 9.79 -2.81
N GLU A 28 -1.43 9.78 -2.84
CA GLU A 28 -2.02 10.10 -4.10
CA GLU A 28 -2.03 10.07 -4.15
C GLU A 28 -1.01 10.95 -4.87
C GLU A 28 -1.05 10.94 -4.90
N VAL A 29 -0.18 10.29 -5.70
CA VAL A 29 0.93 11.00 -6.32
C VAL A 29 0.53 11.94 -7.43
N ASN A 30 -0.73 11.91 -7.86
CA ASN A 30 -1.18 12.97 -8.75
C ASN A 30 -1.18 14.32 -8.05
N ASP A 31 -1.31 14.32 -6.72
CA ASP A 31 -1.40 15.54 -5.92
C ASP A 31 -0.19 15.81 -5.05
N ILE A 32 0.40 14.79 -4.43
CA ILE A 32 1.30 14.98 -3.29
C ILE A 32 2.66 14.37 -3.57
N ASN A 33 3.71 15.13 -3.24
CA ASN A 33 5.08 14.64 -3.33
C ASN A 33 5.30 13.57 -2.27
N PRO A 34 5.73 12.35 -2.65
CA PRO A 34 5.84 11.28 -1.66
C PRO A 34 6.90 11.51 -0.60
N LEU A 35 7.84 12.43 -0.82
CA LEU A 35 8.86 12.69 0.18
C LEU A 35 8.26 13.12 1.50
N ASN A 36 7.05 13.68 1.51
CA ASN A 36 6.40 14.08 2.75
C ASN A 36 6.24 12.92 3.74
N ALA A 37 6.18 11.69 3.25
CA ALA A 37 6.10 10.57 4.17
C ALA A 37 7.31 10.47 5.09
N GLY A 38 8.46 11.01 4.66
CA GLY A 38 9.65 10.92 5.48
C GLY A 38 9.74 11.92 6.61
N SER A 39 8.80 12.86 6.69
CA SER A 39 8.90 14.00 7.58
C SER A 39 8.47 13.71 9.01
N TYR A 40 8.08 12.49 9.32
CA TYR A 40 7.53 12.11 10.61
C TYR A 40 8.43 11.08 11.26
N ILE A 41 8.87 11.35 12.49
CA ILE A 41 9.94 10.60 13.13
C ILE A 41 9.39 10.06 14.47
N MET A 42 9.59 8.79 14.72
CA MET A 42 9.20 8.14 15.97
C MET A 42 10.36 7.23 16.40
N ASP A 43 10.89 7.43 17.60
CA ASP A 43 11.94 6.56 18.12
C ASP A 43 13.16 6.59 17.20
N ASP A 44 13.50 7.78 16.71
CA ASP A 44 14.70 7.99 15.91
C ASP A 44 14.69 7.17 14.62
N ALA A 45 13.52 6.99 14.04
CA ALA A 45 13.30 6.22 12.83
C ALA A 45 12.07 6.78 12.17
N PRO A 46 11.87 6.52 10.89
CA PRO A 46 10.63 7.03 10.27
C PRO A 46 9.40 6.41 10.90
N PHE A 47 8.40 7.24 11.17
CA PHE A 47 7.10 6.73 11.62
C PHE A 47 6.53 5.75 10.61
N PHE A 48 6.54 6.11 9.33
CA PHE A 48 6.00 5.26 8.29
C PHE A 48 6.99 4.19 7.88
N ASP A 49 6.50 2.97 7.74
CA ASP A 49 7.30 1.82 7.34
C ASP A 49 7.20 1.51 5.85
N TYR A 50 6.01 1.70 5.28
CA TYR A 50 5.73 1.45 3.88
C TYR A 50 5.04 2.66 3.32
N VAL A 51 5.45 3.06 2.12
CA VAL A 51 4.84 4.14 1.35
C VAL A 51 4.41 3.57 0.02
N ILE A 52 3.12 3.72 -0.32
N ILE A 52 3.13 3.76 -0.32
CA ILE A 52 2.58 3.26 -1.59
CA ILE A 52 2.58 3.28 -1.59
C ILE A 52 2.45 4.48 -2.50
C ILE A 52 2.41 4.47 -2.52
N LEU A 53 3.05 4.39 -3.67
CA LEU A 53 2.92 5.38 -4.74
C LEU A 53 1.63 5.05 -5.48
N PHE A 54 0.55 5.77 -5.15
CA PHE A 54 -0.78 5.40 -5.64
C PHE A 54 -1.14 6.30 -6.81
N ALA A 55 -1.19 5.76 -8.04
CA ALA A 55 -1.01 4.34 -8.42
C ALA A 55 -0.68 4.26 -9.90
N ALA A 56 0.09 3.27 -10.28
CA ALA A 56 0.15 2.80 -11.66
C ALA A 56 -1.12 2.00 -11.96
N ASN A 57 -1.35 1.75 -13.24
CA ASN A 57 -2.59 1.12 -13.66
C ASN A 57 -2.37 -0.16 -14.46
N ILE A 58 -3.32 -1.08 -14.31
CA ILE A 58 -3.50 -2.14 -15.29
C ILE A 58 -4.42 -1.64 -16.39
N ARG A 59 -3.99 -1.80 -17.64
CA ARG A 59 -4.81 -1.45 -18.80
C ARG A 59 -4.81 -2.60 -19.78
N GLY A 60 -5.99 -3.07 -20.17
CA GLY A 60 -6.09 -3.93 -21.33
C GLY A 60 -5.99 -3.08 -22.59
N VAL A 61 -5.12 -3.49 -23.51
CA VAL A 61 -4.93 -2.82 -24.79
C VAL A 61 -4.98 -3.94 -25.81
N GLY A 62 -6.14 -4.13 -26.45
CA GLY A 62 -6.32 -5.33 -27.25
C GLY A 62 -6.12 -6.57 -26.38
N SER A 63 -5.40 -7.54 -26.91
CA SER A 63 -5.20 -8.75 -26.13
C SER A 63 -4.11 -8.60 -25.08
N ASP A 64 -3.38 -7.49 -25.07
CA ASP A 64 -2.29 -7.31 -24.09
C ASP A 64 -2.78 -6.78 -22.75
N ALA A 65 -2.23 -7.35 -21.68
CA ALA A 65 -2.32 -6.75 -20.36
C ALA A 65 -1.10 -5.87 -20.18
N THR A 66 -1.30 -4.61 -19.88
CA THR A 66 -0.22 -3.65 -19.79
C THR A 66 -0.19 -2.95 -18.44
N LEU A 67 1.02 -2.56 -18.03
CA LEU A 67 1.26 -1.67 -16.91
C LEU A 67 1.43 -0.27 -17.47
N TYR A 68 0.58 0.64 -17.03
CA TYR A 68 0.59 2.02 -17.47
C TYR A 68 0.91 2.94 -16.29
N ASN A 69 1.90 3.80 -16.46
CA ASN A 69 2.28 4.80 -15.48
C ASN A 69 1.85 6.16 -16.03
N ASN A 70 0.92 6.82 -15.33
CA ASN A 70 0.49 8.15 -15.75
C ASN A 70 1.67 9.13 -15.62
N PRO A 71 1.53 10.36 -16.13
CA PRO A 71 2.70 11.25 -16.14
C PRO A 71 3.30 11.48 -14.77
N ASN A 72 2.49 11.53 -13.71
CA ASN A 72 3.02 11.77 -12.38
C ASN A 72 3.76 10.56 -11.84
N VAL A 73 3.19 9.38 -11.98
CA VAL A 73 3.86 8.15 -11.59
C VAL A 73 5.17 8.00 -12.35
N GLN A 74 5.10 8.16 -13.67
CA GLN A 74 6.30 8.05 -14.50
C GLN A 74 7.36 9.06 -14.11
N TYR A 75 6.95 10.29 -13.79
CA TYR A 75 7.91 11.30 -13.35
C TYR A 75 8.64 10.84 -12.11
N ILE A 76 7.92 10.30 -11.12
CA ILE A 76 8.55 9.84 -9.90
C ILE A 76 9.53 8.72 -10.20
N LEU A 77 9.12 7.73 -11.00
CA LEU A 77 10.01 6.62 -11.34
C LEU A 77 11.25 7.10 -12.08
N ASP A 78 11.06 8.02 -13.05
CA ASP A 78 12.17 8.58 -13.81
C ASP A 78 13.09 9.42 -12.94
N HIS A 79 12.60 9.91 -11.82
CA HIS A 79 13.36 10.71 -10.89
C HIS A 79 13.48 9.99 -9.56
N LYS A 80 13.70 8.67 -9.62
CA LYS A 80 13.78 7.85 -8.41
C LYS A 80 14.85 8.33 -7.46
N ASP A 81 15.96 8.84 -7.97
CA ASP A 81 17.05 9.27 -7.07
C ASP A 81 16.66 10.46 -6.22
N THR A 82 15.67 11.23 -6.66
CA THR A 82 15.16 12.42 -6.00
C THR A 82 13.96 12.14 -5.13
N LEU A 83 13.04 11.32 -5.62
CA LEU A 83 11.69 11.22 -5.05
C LEU A 83 11.41 9.88 -4.38
N ILE A 84 12.29 8.89 -4.54
CA ILE A 84 12.13 7.57 -3.92
C ILE A 84 13.30 7.25 -3.00
N LYS A 85 14.51 7.34 -3.53
N LYS A 85 14.52 7.38 -3.52
CA LYS A 85 15.70 6.95 -2.76
CA LYS A 85 15.69 6.96 -2.75
C LYS A 85 15.84 7.66 -1.42
C LYS A 85 15.88 7.67 -1.43
N PRO A 86 15.56 8.97 -1.28
CA PRO A 86 15.70 9.57 0.06
C PRO A 86 14.84 8.87 1.11
N LEU A 87 13.67 8.37 0.74
CA LEU A 87 12.84 7.61 1.66
C LEU A 87 13.50 6.28 1.99
N GLN A 88 14.01 5.60 0.97
CA GLN A 88 14.64 4.31 1.17
C GLN A 88 15.89 4.42 2.02
N ASP A 89 16.60 5.55 1.92
CA ASP A 89 17.82 5.73 2.70
C ASP A 89 17.53 5.72 4.19
N LYS A 90 16.35 6.11 4.62
CA LYS A 90 16.00 6.12 6.03
C LYS A 90 15.25 4.86 6.43
N GLY A 91 15.15 3.86 5.54
CA GLY A 91 14.60 2.56 5.84
C GLY A 91 13.15 2.36 5.47
N ILE A 92 12.53 3.31 4.81
CA ILE A 92 11.14 3.19 4.37
C ILE A 92 11.12 2.30 3.13
N LYS A 93 10.15 1.39 3.07
CA LYS A 93 9.93 0.57 1.88
C LYS A 93 8.91 1.26 0.99
N VAL A 94 9.27 1.46 -0.26
CA VAL A 94 8.46 2.19 -1.22
C VAL A 94 7.90 1.19 -2.22
N LEU A 95 6.56 1.14 -2.31
CA LEU A 95 5.83 0.19 -3.14
C LEU A 95 5.13 0.93 -4.27
N LEU A 96 5.02 0.26 -5.41
CA LEU A 96 4.20 0.77 -6.51
C LEU A 96 2.75 0.32 -6.33
N GLY A 97 1.84 1.28 -6.18
CA GLY A 97 0.43 0.94 -6.16
C GLY A 97 -0.03 0.54 -7.56
N LEU A 98 -1.00 -0.38 -7.61
CA LEU A 98 -1.58 -0.89 -8.85
C LEU A 98 -3.10 -0.80 -8.74
N LEU A 99 -3.72 -0.22 -9.78
CA LEU A 99 -5.13 0.14 -9.77
C LEU A 99 -5.73 -0.09 -11.14
N GLY A 100 -7.03 -0.42 -11.19
CA GLY A 100 -7.72 -0.48 -12.47
C GLY A 100 -7.86 0.89 -13.12
N ASP A 101 -8.27 0.87 -14.40
CA ASP A 101 -8.37 2.13 -15.14
C ASP A 101 -9.47 2.07 -16.20
N HIS A 102 -10.55 1.38 -15.87
CA HIS A 102 -11.79 1.43 -16.66
C HIS A 102 -11.59 0.93 -18.08
N THR A 103 -10.69 -0.05 -18.27
CA THR A 103 -10.53 -0.65 -19.59
C THR A 103 -11.30 -1.94 -19.77
N GLY A 104 -11.83 -2.52 -18.70
CA GLY A 104 -12.50 -3.78 -18.75
C GLY A 104 -11.64 -4.95 -18.32
N LEU A 105 -10.32 -4.75 -18.30
CA LEU A 105 -9.37 -5.74 -17.85
C LEU A 105 -8.83 -5.31 -16.49
N GLY A 106 -8.83 -6.21 -15.54
CA GLY A 106 -8.29 -5.99 -14.21
C GLY A 106 -7.52 -7.20 -13.72
N PHE A 107 -7.16 -7.15 -12.45
CA PHE A 107 -6.36 -8.24 -11.90
C PHE A 107 -7.09 -9.55 -11.96
N ALA A 108 -8.43 -9.54 -11.90
CA ALA A 108 -9.22 -10.73 -11.67
C ALA A 108 -9.75 -11.45 -12.91
N ASN A 109 -9.60 -10.89 -14.12
CA ASN A 109 -10.22 -11.46 -15.32
C ASN A 109 -9.26 -11.65 -16.47
N MET A 110 -7.97 -11.91 -16.16
CA MET A 110 -6.98 -12.12 -17.19
C MET A 110 -6.94 -13.61 -17.57
N ASN A 111 -6.43 -13.88 -18.77
CA ASN A 111 -6.14 -15.26 -19.16
C ASN A 111 -4.68 -15.56 -18.73
N SER A 112 -4.20 -16.77 -19.02
N SER A 112 -4.19 -16.76 -19.05
CA SER A 112 -2.88 -17.16 -18.54
CA SER A 112 -2.88 -17.17 -18.53
C SER A 112 -1.76 -16.30 -19.11
C SER A 112 -1.75 -16.34 -19.12
N ALA A 113 -1.79 -16.06 -20.42
CA ALA A 113 -0.73 -15.26 -21.05
C ALA A 113 -0.73 -13.85 -20.50
N GLN A 114 -1.92 -13.24 -20.37
CA GLN A 114 -2.03 -11.90 -19.81
C GLN A 114 -1.50 -11.84 -18.37
N THR A 115 -1.78 -12.87 -17.58
CA THR A 115 -1.30 -12.91 -16.21
C THR A 115 0.22 -12.88 -16.17
N GLU A 116 0.85 -13.70 -17.00
CA GLU A 116 2.30 -13.76 -17.06
C GLU A 116 2.87 -12.45 -17.60
N GLN A 117 2.23 -11.88 -18.61
CA GLN A 117 2.66 -10.62 -19.20
C GLN A 117 2.63 -9.51 -18.16
N PHE A 118 1.53 -9.40 -17.42
CA PHE A 118 1.38 -8.35 -16.43
C PHE A 118 2.34 -8.56 -15.27
N ALA A 119 2.46 -9.80 -14.79
CA ALA A 119 3.41 -10.08 -13.72
C ALA A 119 4.83 -9.71 -14.12
N THR A 120 5.20 -10.01 -15.36
CA THR A 120 6.52 -9.68 -15.86
C THR A 120 6.72 -8.17 -15.93
N ALA A 121 5.71 -7.46 -16.39
CA ALA A 121 5.80 -6.00 -16.48
C ALA A 121 6.00 -5.40 -15.09
N VAL A 122 5.25 -5.90 -14.11
CA VAL A 122 5.35 -5.37 -12.76
C VAL A 122 6.72 -5.69 -12.15
N ALA A 123 7.16 -6.94 -12.26
CA ALA A 123 8.47 -7.30 -11.72
C ALA A 123 9.57 -6.48 -12.37
N ASN A 124 9.47 -6.28 -13.68
CA ASN A 124 10.45 -5.49 -14.40
C ASN A 124 10.50 -4.06 -13.87
N ALA A 125 9.33 -3.46 -13.61
CA ALA A 125 9.31 -2.10 -13.06
C ALA A 125 9.92 -2.05 -11.66
N VAL A 126 9.57 -3.02 -10.82
CA VAL A 126 10.14 -3.05 -9.47
C VAL A 126 11.65 -3.10 -9.54
N SER A 127 12.19 -3.94 -10.42
CA SER A 127 13.64 -4.02 -10.59
C SER A 127 14.23 -2.75 -11.18
N GLN A 128 13.63 -2.23 -12.24
N GLN A 128 13.66 -2.27 -12.28
CA GLN A 128 14.20 -1.10 -12.97
CA GLN A 128 14.22 -1.11 -12.97
C GLN A 128 14.31 0.12 -12.07
C GLN A 128 14.31 0.10 -12.05
N TYR A 129 13.29 0.34 -11.24
CA TYR A 129 13.19 1.54 -10.43
C TYR A 129 13.60 1.32 -8.99
N GLY A 130 14.10 0.13 -8.66
CA GLY A 130 14.61 -0.11 -7.34
C GLY A 130 13.56 -0.06 -6.26
N LEU A 131 12.34 -0.47 -6.56
CA LEU A 131 11.26 -0.42 -5.60
C LEU A 131 11.32 -1.62 -4.67
N ASP A 132 10.55 -1.53 -3.57
CA ASP A 132 10.52 -2.57 -2.58
C ASP A 132 9.37 -3.54 -2.73
N GLY A 133 8.51 -3.35 -3.74
CA GLY A 133 7.38 -4.21 -3.98
C GLY A 133 6.20 -3.42 -4.53
N VAL A 134 5.00 -3.97 -4.33
CA VAL A 134 3.78 -3.45 -4.89
C VAL A 134 2.64 -3.57 -3.91
N ASP A 135 1.58 -2.80 -4.18
CA ASP A 135 0.28 -2.87 -3.52
C ASP A 135 -0.79 -3.05 -4.57
N PHE A 136 -1.71 -3.98 -4.34
CA PHE A 136 -2.84 -4.17 -5.23
C PHE A 136 -4.10 -3.52 -4.68
N ASP A 137 -4.75 -2.71 -5.52
CA ASP A 137 -6.10 -2.21 -5.27
C ASP A 137 -6.97 -2.58 -6.46
N ASP A 138 -7.72 -3.68 -6.31
CA ASP A 138 -8.63 -4.16 -7.35
C ASP A 138 -9.88 -3.29 -7.36
N GLU A 139 -9.75 -2.12 -7.96
CA GLU A 139 -10.78 -1.09 -8.03
C GLU A 139 -10.71 -0.44 -9.40
N TRP A 140 -11.87 -0.13 -9.95
CA TRP A 140 -12.01 0.64 -11.17
C TRP A 140 -11.63 -0.11 -12.42
N ALA A 141 -11.57 -1.45 -12.41
CA ALA A 141 -11.31 -2.15 -13.66
C ALA A 141 -12.46 -2.04 -14.65
N GLU A 142 -13.69 -1.89 -14.18
CA GLU A 142 -14.92 -1.89 -14.98
C GLU A 142 -15.01 -3.21 -15.75
N TYR A 143 -14.95 -4.31 -15.00
CA TYR A 143 -14.84 -5.65 -15.53
C TYR A 143 -15.86 -5.90 -16.65
N GLY A 144 -15.36 -6.33 -17.82
CA GLY A 144 -16.18 -6.73 -18.93
C GLY A 144 -16.43 -5.67 -19.97
N ARG A 145 -16.00 -4.43 -19.75
CA ARG A 145 -16.04 -3.42 -20.79
C ARG A 145 -15.24 -3.93 -22.00
N ASN A 146 -15.73 -3.61 -23.19
CA ASN A 146 -14.95 -3.74 -24.43
C ASN A 146 -14.50 -5.17 -24.71
N GLY A 147 -15.30 -6.17 -24.33
CA GLY A 147 -15.04 -7.53 -24.76
C GLY A 147 -14.20 -8.39 -23.83
N TYR A 148 -13.63 -7.84 -22.78
CA TYR A 148 -12.94 -8.67 -21.79
C TYR A 148 -13.97 -9.44 -20.98
N PRO A 149 -13.56 -10.49 -20.27
CA PRO A 149 -14.55 -11.25 -19.49
C PRO A 149 -15.23 -10.38 -18.43
N SER A 150 -16.54 -10.57 -18.26
N SER A 150 -16.53 -10.53 -18.28
CA SER A 150 -17.29 -9.78 -17.29
CA SER A 150 -17.21 -9.71 -17.28
C SER A 150 -17.02 -10.22 -15.86
C SER A 150 -16.97 -10.20 -15.85
N GLY A 151 -16.57 -11.46 -15.67
CA GLY A 151 -16.38 -12.03 -14.37
C GLY A 151 -14.97 -12.57 -14.17
N SER A 152 -14.76 -13.10 -12.99
CA SER A 152 -13.45 -13.57 -12.60
C SER A 152 -13.04 -14.83 -13.35
N THR A 153 -11.75 -14.88 -13.69
CA THR A 153 -11.11 -16.03 -14.30
C THR A 153 -10.22 -16.76 -13.31
N GLY A 154 -10.06 -16.28 -12.08
CA GLY A 154 -9.08 -16.81 -11.17
C GLY A 154 -7.69 -16.25 -11.33
N SER A 155 -7.50 -15.27 -12.20
CA SER A 155 -6.18 -14.73 -12.39
C SER A 155 -5.64 -13.98 -11.18
N PHE A 156 -6.48 -13.47 -10.27
CA PHE A 156 -5.93 -12.63 -9.21
C PHE A 156 -4.95 -13.42 -8.36
N SER A 157 -5.36 -14.62 -7.95
CA SER A 157 -4.45 -15.45 -7.15
C SER A 157 -3.25 -15.89 -7.97
N ASN A 158 -3.46 -16.22 -9.24
CA ASN A 158 -2.35 -16.63 -10.08
C ASN A 158 -1.35 -15.50 -10.27
N LEU A 159 -1.82 -14.24 -10.31
CA LEU A 159 -0.92 -13.11 -10.44
C LEU A 159 -0.07 -12.96 -9.19
N ILE A 160 -0.68 -13.09 -8.00
CA ILE A 160 0.07 -13.04 -6.76
C ILE A 160 1.15 -14.11 -6.76
N THR A 161 0.80 -15.34 -7.14
CA THR A 161 1.77 -16.43 -7.18
C THR A 161 2.89 -16.12 -8.15
N ALA A 162 2.55 -15.66 -9.33
CA ALA A 162 3.57 -15.38 -10.33
C ALA A 162 4.52 -14.30 -9.85
N LEU A 163 3.97 -13.25 -9.25
N LEU A 163 3.97 -13.24 -9.27
CA LEU A 163 4.84 -12.19 -8.76
CA LEU A 163 4.82 -12.17 -8.78
C LEU A 163 5.70 -12.68 -7.62
C LEU A 163 5.68 -12.65 -7.61
N HIS A 164 5.12 -13.44 -6.70
CA HIS A 164 5.89 -13.96 -5.61
C HIS A 164 7.09 -14.73 -6.13
N ASN A 165 6.89 -15.55 -7.17
CA ASN A 165 7.96 -16.36 -7.71
C ASN A 165 9.02 -15.50 -8.39
N LYS A 166 8.61 -14.40 -9.02
CA LYS A 166 9.55 -13.53 -9.71
C LYS A 166 10.33 -12.64 -8.77
N MET A 167 9.72 -12.24 -7.67
CA MET A 167 10.32 -11.31 -6.72
C MET A 167 10.08 -11.74 -5.29
N PRO A 168 10.60 -12.91 -4.89
CA PRO A 168 10.18 -13.46 -3.58
C PRO A 168 10.64 -12.61 -2.41
N GLY A 169 11.69 -11.83 -2.56
CA GLY A 169 12.20 -10.96 -1.51
C GLY A 169 11.54 -9.60 -1.42
N LYS A 170 10.61 -9.31 -2.29
CA LYS A 170 9.92 -8.02 -2.31
C LYS A 170 8.56 -8.15 -1.60
N THR A 171 8.01 -7.02 -1.24
CA THR A 171 6.75 -6.94 -0.51
C THR A 171 5.56 -6.91 -1.46
N ILE A 172 4.50 -7.60 -1.07
CA ILE A 172 3.18 -7.46 -1.69
C ILE A 172 2.18 -7.10 -0.61
N THR A 173 1.52 -5.96 -0.76
CA THR A 173 0.40 -5.61 0.06
C THR A 173 -0.87 -5.61 -0.78
N VAL A 174 -2.01 -5.74 -0.11
CA VAL A 174 -3.32 -5.75 -0.77
C VAL A 174 -4.27 -4.82 -0.02
N PHE A 175 -4.72 -3.79 -0.70
CA PHE A 175 -5.80 -2.94 -0.23
C PHE A 175 -7.07 -3.75 -0.37
N ASN A 176 -7.84 -3.89 0.70
CA ASN A 176 -8.88 -4.94 0.74
C ASN A 176 -10.17 -4.49 0.06
N TYR A 177 -10.13 -4.48 -1.26
CA TYR A 177 -11.23 -4.04 -2.12
C TYR A 177 -11.18 -4.87 -3.39
N GLY A 178 -12.35 -5.17 -3.93
CA GLY A 178 -12.47 -5.97 -5.13
C GLY A 178 -12.48 -7.44 -4.83
N TYR A 179 -11.90 -8.25 -5.74
CA TYR A 179 -12.00 -9.72 -5.69
C TYR A 179 -11.07 -10.36 -4.67
N THR A 180 -10.80 -9.65 -3.56
CA THR A 180 -9.82 -10.17 -2.62
C THR A 180 -10.32 -11.40 -1.87
N SER A 181 -11.64 -11.67 -1.85
CA SER A 181 -12.13 -12.87 -1.20
C SER A 181 -11.52 -14.13 -1.80
N GLU A 182 -11.03 -14.05 -3.04
CA GLU A 182 -10.42 -15.17 -3.73
C GLU A 182 -9.02 -15.50 -3.24
N LEU A 183 -8.40 -14.64 -2.45
CA LEU A 183 -6.97 -14.73 -2.24
C LEU A 183 -6.55 -15.58 -1.06
N THR A 184 -7.48 -16.21 -0.33
CA THR A 184 -7.09 -16.96 0.86
C THR A 184 -6.00 -17.96 0.60
N GLY A 185 -6.12 -18.73 -0.47
CA GLY A 185 -5.18 -19.79 -0.75
C GLY A 185 -3.77 -19.33 -1.07
N VAL A 186 -3.58 -18.06 -1.38
CA VAL A 186 -2.26 -17.52 -1.67
C VAL A 186 -1.81 -16.52 -0.62
N ASN A 187 -2.49 -16.47 0.53
CA ASN A 187 -2.24 -15.42 1.48
C ASN A 187 -0.85 -15.49 2.12
N SER A 188 -0.18 -16.64 2.06
N SER A 188 -0.18 -16.64 2.03
CA SER A 188 1.18 -16.69 2.58
CA SER A 188 1.18 -16.73 2.52
C SER A 188 2.13 -15.81 1.76
C SER A 188 2.12 -15.81 1.76
N TYR A 189 1.75 -15.44 0.53
CA TYR A 189 2.58 -14.63 -0.33
C TYR A 189 2.30 -13.14 -0.20
N ILE A 190 1.35 -12.76 0.65
CA ILE A 190 0.95 -11.38 0.84
C ILE A 190 1.42 -10.95 2.22
N ASP A 191 2.15 -9.85 2.30
CA ASP A 191 2.69 -9.42 3.57
C ASP A 191 1.62 -8.81 4.47
N TYR A 192 0.79 -7.92 3.94
CA TYR A 192 -0.25 -7.25 4.71
C TYR A 192 -1.47 -7.02 3.83
N GLY A 193 -2.64 -7.09 4.46
CA GLY A 193 -3.88 -6.58 3.90
C GLY A 193 -4.31 -5.34 4.67
N ILE A 194 -4.95 -4.41 3.98
CA ILE A 194 -5.28 -3.12 4.55
C ILE A 194 -6.78 -2.83 4.36
N TYR A 195 -7.46 -2.57 5.46
CA TYR A 195 -8.87 -2.21 5.44
C TYR A 195 -9.11 -0.96 4.58
N ALA A 196 -10.16 -1.00 3.75
CA ALA A 196 -10.37 0.01 2.71
C ALA A 196 -11.29 1.15 3.11
N PHE A 197 -11.90 1.10 4.30
CA PHE A 197 -12.75 2.19 4.77
C PHE A 197 -12.05 2.89 5.93
N PHE A 198 -12.42 4.16 6.17
CA PHE A 198 -11.56 5.02 6.95
C PHE A 198 -12.16 5.47 8.27
N ASN A 199 -11.27 5.72 9.22
CA ASN A 199 -11.43 6.46 10.47
C ASN A 199 -12.24 5.70 11.53
N SER A 200 -12.58 4.43 11.32
N SER A 200 -12.58 4.45 11.31
CA SER A 200 -13.25 3.60 12.33
CA SER A 200 -13.21 3.63 12.31
C SER A 200 -12.79 2.17 12.08
C SER A 200 -12.80 2.19 12.03
N PRO A 201 -12.30 1.42 13.08
N PRO A 201 -12.44 1.44 13.05
CA PRO A 201 -11.88 0.05 12.82
CA PRO A 201 -11.93 0.08 12.81
C PRO A 201 -13.03 -0.87 12.45
C PRO A 201 -13.04 -0.89 12.46
N SER A 202 -12.67 -1.93 11.74
CA SER A 202 -13.50 -3.12 11.60
C SER A 202 -12.65 -4.27 12.11
N TRP A 203 -13.09 -4.93 13.19
CA TRP A 203 -12.27 -5.92 13.88
C TRP A 203 -12.45 -7.26 13.20
N SER A 204 -11.85 -7.36 12.04
CA SER A 204 -11.93 -8.48 11.12
C SER A 204 -10.77 -8.39 10.17
N THR A 205 -10.57 -9.47 9.41
CA THR A 205 -9.56 -9.47 8.38
C THR A 205 -10.18 -9.97 7.08
N GLY A 206 -9.51 -9.70 5.98
CA GLY A 206 -9.87 -10.28 4.69
C GLY A 206 -9.05 -11.50 4.33
N PHE A 207 -9.61 -12.30 3.43
CA PHE A 207 -8.94 -13.41 2.77
C PHE A 207 -8.11 -14.26 3.73
N GLY A 208 -8.73 -14.60 4.88
CA GLY A 208 -8.13 -15.51 5.83
C GLY A 208 -6.90 -15.00 6.54
N MET A 209 -6.60 -13.72 6.45
CA MET A 209 -5.34 -13.22 7.00
C MET A 209 -5.39 -13.26 8.51
N PRO A 210 -4.29 -13.58 9.16
CA PRO A 210 -4.22 -13.45 10.60
C PRO A 210 -4.15 -11.98 11.01
N ASN A 211 -4.48 -11.72 12.28
CA ASN A 211 -4.38 -10.36 12.80
C ASN A 211 -3.02 -9.76 12.54
N SER A 212 -1.94 -10.54 12.73
CA SER A 212 -0.59 -10.03 12.59
C SER A 212 -0.25 -9.57 11.19
N LYS A 213 -1.05 -9.90 10.19
CA LYS A 213 -0.81 -9.50 8.81
C LYS A 213 -1.91 -8.59 8.28
N PHE A 214 -2.60 -7.85 9.15
CA PHE A 214 -3.72 -7.04 8.69
C PHE A 214 -3.75 -5.71 9.43
N ALA A 215 -4.20 -4.68 8.70
CA ALA A 215 -4.52 -3.37 9.25
C ALA A 215 -6.03 -3.23 9.28
N PRO A 216 -6.67 -3.34 10.44
CA PRO A 216 -8.13 -3.26 10.55
C PRO A 216 -8.66 -1.85 10.71
N TYR A 217 -7.76 -0.88 10.63
CA TYR A 217 -8.03 0.53 10.92
C TYR A 217 -7.14 1.32 9.99
N THR A 218 -7.75 2.21 9.20
CA THR A 218 -7.08 3.01 8.20
C THR A 218 -7.51 4.45 8.39
N ILE A 219 -6.57 5.32 8.68
CA ILE A 219 -6.85 6.73 8.97
C ILE A 219 -6.75 7.52 7.68
N ASN A 220 -7.74 8.39 7.44
N ASN A 220 -7.79 8.27 7.34
CA ASN A 220 -7.77 9.31 6.30
CA ASN A 220 -7.64 9.23 6.27
C ASN A 220 -7.02 10.58 6.70
C ASN A 220 -6.90 10.45 6.82
N LEU A 221 -5.77 10.77 6.21
CA LEU A 221 -4.95 11.89 6.66
C LEU A 221 -5.31 13.20 5.99
N ASN A 222 -6.27 13.19 5.06
CA ASN A 222 -6.79 14.40 4.47
C ASN A 222 -7.95 14.89 5.32
N SER A 223 -8.94 14.03 5.53
N SER A 223 -8.90 14.00 5.54
CA SER A 223 -10.04 14.32 6.44
CA SER A 223 -10.07 14.24 6.40
C SER A 223 -9.80 13.56 7.74
C SER A 223 -9.85 13.56 7.75
N ALA A 224 -8.89 14.08 8.53
CA ALA A 224 -8.36 13.36 9.66
C ALA A 224 -9.31 13.34 10.85
N PRO A 225 -9.31 12.24 11.60
CA PRO A 225 -10.04 12.21 12.88
C PRO A 225 -9.24 12.98 13.92
N SER A 226 -9.82 13.14 15.11
CA SER A 226 -9.06 13.75 16.19
C SER A 226 -7.89 12.87 16.59
N ALA A 227 -6.87 13.52 17.16
CA ALA A 227 -5.74 12.77 17.71
C ALA A 227 -6.20 11.77 18.77
N ALA A 228 -7.18 12.14 19.59
CA ALA A 228 -7.67 11.26 20.63
C ALA A 228 -8.35 10.05 20.04
N SER A 229 -9.17 10.23 19.01
CA SER A 229 -9.80 9.10 18.35
C SER A 229 -8.76 8.12 17.83
N ALA A 230 -7.72 8.66 17.16
CA ALA A 230 -6.64 7.83 16.64
C ALA A 230 -5.87 7.15 17.75
N GLN A 231 -5.65 7.84 18.85
CA GLN A 231 -4.95 7.27 20.00
C GLN A 231 -5.72 6.08 20.54
N LEU A 232 -7.01 6.26 20.80
CA LEU A 232 -7.81 5.18 21.39
C LEU A 232 -7.94 4.01 20.45
N TYR A 233 -8.26 4.25 19.18
CA TYR A 233 -8.43 3.13 18.26
C TYR A 233 -7.10 2.42 18.02
N SER A 234 -6.00 3.17 17.89
CA SER A 234 -4.70 2.52 17.67
C SER A 234 -4.26 1.73 18.88
N GLY A 235 -4.67 2.15 20.08
CA GLY A 235 -4.39 1.34 21.24
C GLY A 235 -5.12 0.02 21.20
N GLN A 236 -6.35 0.03 20.66
CA GLN A 236 -7.12 -1.21 20.48
C GLN A 236 -6.49 -2.10 19.40
N VAL A 237 -6.02 -1.50 18.30
CA VAL A 237 -5.31 -2.27 17.28
C VAL A 237 -4.14 -3.02 17.89
N ALA A 238 -3.34 -2.30 18.69
CA ALA A 238 -2.17 -2.90 19.30
C ALA A 238 -2.57 -3.99 20.29
N SER A 239 -3.54 -3.69 21.16
N SER A 239 -3.54 -3.70 21.17
CA SER A 239 -3.95 -4.63 22.19
CA SER A 239 -3.92 -4.67 22.21
C SER A 239 -4.45 -5.94 21.60
C SER A 239 -4.45 -5.96 21.60
N LYS A 240 -5.18 -5.86 20.50
CA LYS A 240 -5.75 -7.02 19.85
C LYS A 240 -4.77 -7.76 18.96
N GLY A 241 -3.52 -7.30 18.87
CA GLY A 241 -2.51 -8.07 18.18
C GLY A 241 -2.42 -7.88 16.69
N TYR A 242 -3.03 -6.84 16.15
CA TYR A 242 -2.92 -6.60 14.73
C TYR A 242 -1.53 -6.10 14.37
N GLY A 243 -1.15 -6.35 13.12
CA GLY A 243 0.19 -6.08 12.68
C GLY A 243 0.43 -4.82 11.91
N ALA A 244 -0.60 -4.05 11.60
CA ALA A 244 -0.43 -2.85 10.81
C ALA A 244 -1.54 -1.87 11.10
N ILE A 245 -1.27 -0.61 10.75
CA ILE A 245 -2.23 0.48 10.70
C ILE A 245 -2.10 1.10 9.33
N GLY A 246 -3.23 1.34 8.67
CA GLY A 246 -3.25 2.00 7.38
C GLY A 246 -3.46 3.48 7.50
N TYR A 247 -2.98 4.19 6.48
CA TYR A 247 -3.14 5.63 6.37
C TYR A 247 -3.36 5.94 4.91
N TYR A 248 -4.37 6.75 4.63
N TYR A 248 -4.40 6.71 4.60
CA TYR A 248 -4.73 7.05 3.26
CA TYR A 248 -4.70 7.04 3.22
C TYR A 248 -4.68 8.56 3.02
C TYR A 248 -4.64 8.54 3.01
N ASP A 249 -3.97 8.96 1.96
CA ASP A 249 -3.99 10.34 1.47
C ASP A 249 -3.27 11.33 2.40
N LEU A 250 -2.04 10.99 2.77
CA LEU A 250 -1.14 11.97 3.39
C LEU A 250 -0.95 13.14 2.44
N ARG A 251 -1.10 14.36 2.96
CA ARG A 251 -0.91 15.57 2.18
C ARG A 251 0.42 16.22 2.59
N ALA A 252 0.64 17.49 2.24
CA ALA A 252 1.89 18.19 2.55
C ALA A 252 1.75 19.07 3.77
N ASN A 253 0.59 19.10 4.41
CA ASN A 253 0.40 19.73 5.69
C ASN A 253 0.97 18.93 6.82
N ASN A 254 1.16 19.55 7.96
CA ASN A 254 1.76 18.87 9.10
C ASN A 254 0.64 18.18 9.89
N ILE A 255 0.49 16.86 9.72
N ILE A 255 0.57 16.87 9.77
CA ILE A 255 -0.52 16.07 10.45
CA ILE A 255 -0.47 16.06 10.38
C ILE A 255 0.06 15.33 11.65
C ILE A 255 0.09 15.30 11.60
N VAL A 256 1.17 15.82 12.20
CA VAL A 256 1.82 15.12 13.29
C VAL A 256 0.90 14.95 14.48
N SER A 257 -0.05 15.85 14.71
CA SER A 257 -0.86 15.65 15.91
C SER A 257 -1.56 14.29 15.90
N VAL A 258 -2.08 13.88 14.74
N VAL A 258 -2.07 13.85 14.72
CA VAL A 258 -2.76 12.59 14.63
CA VAL A 258 -2.76 12.56 14.69
C VAL A 258 -1.78 11.44 14.75
C VAL A 258 -1.77 11.41 14.75
N LEU A 259 -0.61 11.55 14.09
CA LEU A 259 0.38 10.50 14.15
C LEU A 259 0.94 10.36 15.55
N ASN A 260 1.05 11.47 16.30
CA ASN A 260 1.52 11.40 17.67
C ASN A 260 0.46 10.70 18.54
N GLY A 261 -0.81 10.88 18.22
CA GLY A 261 -1.86 10.09 18.89
C GLY A 261 -1.68 8.60 18.69
N VAL A 262 -1.36 8.20 17.46
CA VAL A 262 -1.06 6.80 17.18
C VAL A 262 0.22 6.37 17.92
N ALA A 263 1.25 7.19 17.86
CA ALA A 263 2.48 6.86 18.58
C ALA A 263 2.20 6.56 20.04
N LYS A 264 1.35 7.36 20.68
CA LYS A 264 1.02 7.13 22.07
C LYS A 264 0.20 5.85 22.21
N GLY A 265 -0.86 5.72 21.42
CA GLY A 265 -1.79 4.62 21.62
C GLY A 265 -1.22 3.27 21.25
N ALA A 266 -0.61 3.14 20.07
CA ALA A 266 -0.12 1.85 19.61
C ALA A 266 1.32 1.58 19.97
N PHE A 267 2.14 2.61 20.20
CA PHE A 267 3.59 2.42 20.34
C PHE A 267 4.11 2.90 21.69
N LYS A 268 3.27 3.48 22.54
N LYS A 268 3.27 3.47 22.55
CA LYS A 268 3.70 4.03 23.83
CA LYS A 268 3.72 4.03 23.82
C LYS A 268 4.89 4.96 23.64
C LYS A 268 4.92 4.95 23.63
N SER A 269 4.81 5.79 22.61
CA SER A 269 5.87 6.69 22.23
C SER A 269 5.28 8.00 21.73
N THR A 270 6.07 8.75 20.96
CA THR A 270 5.68 10.04 20.42
C THR A 270 6.17 10.12 18.97
N CYS A 271 5.54 11.00 18.20
CA CYS A 271 5.95 11.29 16.84
C CYS A 271 6.24 12.78 16.74
N THR A 272 7.34 13.15 16.09
N THR A 272 7.29 13.14 16.01
CA THR A 272 7.69 14.54 15.83
CA THR A 272 7.69 14.53 15.80
C THR A 272 7.76 14.78 14.32
C THR A 272 7.81 14.79 14.31
N TYR A 273 7.63 16.05 13.95
CA TYR A 273 7.73 16.51 12.58
C TYR A 273 9.11 17.14 12.35
N ASP A 274 9.71 16.86 11.21
CA ASP A 274 11.05 17.36 10.92
C ASP A 274 11.04 18.70 10.20
N GLY A 275 9.86 19.29 9.94
CA GLY A 275 9.77 20.58 9.31
C GLY A 275 9.69 20.56 7.79
N ASN A 276 10.00 19.44 7.16
CA ASN A 276 10.08 19.38 5.71
C ASN A 276 8.70 19.19 5.08
N SER A 277 8.20 20.23 4.46
CA SER A 277 7.04 20.18 3.60
C SER A 277 7.48 20.27 2.17
N TYR A 278 7.26 19.21 1.39
CA TYR A 278 7.75 19.12 0.03
C TYR A 278 6.63 19.43 -0.93
N PRO A 279 6.73 20.50 -1.72
CA PRO A 279 5.73 20.77 -2.75
C PRO A 279 5.88 19.77 -3.89
N LYS A 280 4.81 19.62 -4.65
CA LYS A 280 4.85 18.88 -5.91
C LYS A 280 5.14 19.88 -6.99
N ASN A 281 6.41 20.06 -7.28
N ASN A 281 6.43 20.11 -7.25
CA ASN A 281 6.81 21.01 -8.33
CA ASN A 281 6.89 21.02 -8.32
C ASN A 281 7.05 20.29 -9.66
C ASN A 281 7.13 20.23 -9.61
N TYR A 282 6.15 19.40 -9.99
CA TYR A 282 6.11 18.65 -11.27
C TYR A 282 4.60 18.30 -11.40
#